data_7Q7U
#
_entry.id   7Q7U
#
_cell.length_a   67.663
_cell.length_b   67.663
_cell.length_c   166.050
_cell.angle_alpha   90.000
_cell.angle_beta   90.000
_cell.angle_gamma   120.000
#
_symmetry.space_group_name_H-M   'P 61 2 2'
#
loop_
_entity.id
_entity.type
_entity.pdbx_description
1 polymer 'B-cell lymphoma 6 protein'
2 non-polymer 2-chloranyl-4-[[(2S)-2,7-dimethyl-6-oxidanylidene-1,2,3,4-tetrahydro-[1,4]oxazepino[2,3-c]quinolin-10-yl]amino]pyridine-3-carbonitrile
3 water water
#
_entity_poly.entity_id   1
_entity_poly.type   'polypeptide(L)'
_entity_poly.pdbx_seq_one_letter_code
;GPGLDYKDDDDKENLYFQGADSCIQFTRHASDVLLNLNRLRSRDILTDVVIVVSREQFRAHKTVLMACSGLFYSIFTDQL
KCNLSVINLDPEINPEGFCILLDFMYTSRLNLREGNIMAVMATAMYLQMEHVVDTCRKFIKASE
;
_entity_poly.pdbx_strand_id   A
#
# COMPACT_ATOMS: atom_id res chain seq x y z
N ASN A 14 -28.84 -2.32 6.77
CA ASN A 14 -28.94 -1.01 6.15
C ASN A 14 -27.60 -0.54 5.59
N LEU A 15 -27.64 0.28 4.54
CA LEU A 15 -26.41 0.76 3.92
C LEU A 15 -26.02 2.18 4.32
N TYR A 16 -26.86 2.88 5.11
CA TYR A 16 -26.57 4.25 5.46
C TYR A 16 -27.00 4.61 6.88
N PHE A 17 -26.47 5.74 7.38
CA PHE A 17 -26.79 6.25 8.71
C PHE A 17 -26.68 7.78 8.78
N GLN A 18 -27.26 8.36 9.83
CA GLN A 18 -27.14 9.80 10.05
C GLN A 18 -25.78 10.02 10.74
N GLY A 19 -24.88 10.68 10.04
CA GLY A 19 -23.56 10.97 10.57
C GLY A 19 -23.59 12.04 11.64
N ALA A 20 -22.48 12.22 12.37
CA ALA A 20 -22.39 13.22 13.43
C ALA A 20 -22.65 14.64 12.91
N ASP A 21 -22.28 14.90 11.65
CA ASP A 21 -22.47 16.20 10.99
C ASP A 21 -23.86 16.38 10.36
N SER A 22 -24.85 15.52 10.73
CA SER A 22 -26.22 15.53 10.20
C SER A 22 -26.28 15.27 8.69
N CYS A 23 -25.33 14.50 8.17
CA CYS A 23 -25.28 14.16 6.76
C CYS A 23 -25.52 12.65 6.63
N ILE A 24 -26.08 12.18 5.50
CA ILE A 24 -26.28 10.74 5.29
C ILE A 24 -24.91 10.14 4.93
N GLN A 25 -24.49 9.09 5.62
CA GLN A 25 -23.20 8.47 5.35
C GLN A 25 -23.41 7.02 4.99
N PHE A 26 -22.68 6.52 3.99
CA PHE A 26 -22.80 5.15 3.53
C PHE A 26 -21.72 4.30 4.15
N THR A 27 -22.13 3.32 4.94
CA THR A 27 -21.25 2.45 5.70
C THR A 27 -20.15 1.73 4.88
N ARG A 28 -20.55 1.13 3.76
CA ARG A 28 -19.64 0.30 2.98
C ARG A 28 -18.95 1.01 1.82
N HIS A 29 -19.24 2.31 1.61
CA HIS A 29 -18.71 3.04 0.48
C HIS A 29 -17.18 3.00 0.38
N ALA A 30 -16.44 3.37 1.45
CA ALA A 30 -14.97 3.38 1.36
C ALA A 30 -14.41 2.00 1.04
N SER A 31 -14.92 0.95 1.72
CA SER A 31 -14.41 -0.41 1.41
C SER A 31 -14.77 -0.87 -0.01
N ASP A 32 -15.93 -0.43 -0.55
CA ASP A 32 -16.35 -0.78 -1.91
C ASP A 32 -15.50 -0.07 -2.94
N VAL A 33 -15.12 1.20 -2.67
CA VAL A 33 -14.22 1.94 -3.58
C VAL A 33 -12.86 1.20 -3.60
N LEU A 34 -12.32 0.83 -2.42
CA LEU A 34 -11.03 0.13 -2.35
C LEU A 34 -11.09 -1.22 -3.08
N LEU A 35 -12.19 -1.96 -2.92
CA LEU A 35 -12.40 -3.24 -3.62
C LEU A 35 -12.32 -3.03 -5.16
N ASN A 36 -12.98 -1.98 -5.67
CA ASN A 36 -12.97 -1.65 -7.09
C ASN A 36 -11.59 -1.19 -7.58
N LEU A 37 -10.86 -0.44 -6.72
CA LEU A 37 -9.49 -0.03 -7.09
C LEU A 37 -8.59 -1.28 -7.18
N ASN A 38 -8.78 -2.25 -6.28
CA ASN A 38 -7.98 -3.50 -6.37
C ASN A 38 -8.37 -4.30 -7.62
N ARG A 39 -9.66 -4.27 -8.02
CA ARG A 39 -10.13 -4.97 -9.22
C ARG A 39 -9.48 -4.32 -10.45
N LEU A 40 -9.38 -2.98 -10.48
CA LEU A 40 -8.69 -2.28 -11.56
C LEU A 40 -7.22 -2.69 -11.58
N ARG A 41 -6.57 -2.79 -10.40
CA ARG A 41 -5.18 -3.23 -10.34
C ARG A 41 -4.99 -4.65 -10.90
N SER A 42 -5.87 -5.59 -10.53
N SER A 42 -5.87 -5.58 -10.53
CA SER A 42 -5.77 -6.98 -11.03
CA SER A 42 -5.80 -6.98 -11.01
C SER A 42 -5.89 -7.03 -12.54
C SER A 42 -5.95 -7.08 -12.53
N ARG A 43 -6.74 -6.18 -13.11
CA ARG A 43 -6.96 -6.15 -14.55
C ARG A 43 -6.03 -5.21 -15.30
N ASP A 44 -5.11 -4.59 -14.56
CA ASP A 44 -4.14 -3.64 -15.09
C ASP A 44 -4.78 -2.45 -15.81
N ILE A 45 -5.87 -1.93 -15.26
CA ILE A 45 -6.60 -0.82 -15.83
C ILE A 45 -6.28 0.49 -15.17
N LEU A 46 -5.76 1.42 -15.95
N LEU A 46 -5.77 1.44 -15.93
CA LEU A 46 -5.40 2.78 -15.51
CA LEU A 46 -5.41 2.79 -15.50
C LEU A 46 -4.20 2.80 -14.55
C LEU A 46 -4.20 2.81 -14.54
N THR A 47 -3.46 1.70 -14.50
CA THR A 47 -2.25 1.65 -13.67
C THR A 47 -1.24 2.57 -14.40
N ASP A 48 -0.56 3.42 -13.65
CA ASP A 48 0.32 4.44 -14.23
C ASP A 48 1.75 4.42 -13.73
N VAL A 49 2.15 3.34 -13.04
CA VAL A 49 3.53 3.23 -12.57
C VAL A 49 3.87 1.76 -12.34
N VAL A 50 5.16 1.45 -12.48
N VAL A 50 5.14 1.43 -12.51
CA VAL A 50 5.74 0.16 -12.18
CA VAL A 50 5.66 0.10 -12.18
C VAL A 50 6.69 0.40 -11.02
C VAL A 50 6.73 0.29 -11.10
N ILE A 51 6.58 -0.40 -9.97
CA ILE A 51 7.52 -0.31 -8.85
C ILE A 51 8.46 -1.49 -9.04
N VAL A 52 9.75 -1.22 -9.14
CA VAL A 52 10.72 -2.27 -9.34
C VAL A 52 11.46 -2.54 -8.05
N VAL A 53 11.39 -3.77 -7.58
CA VAL A 53 12.09 -4.17 -6.37
C VAL A 53 12.94 -5.33 -6.81
N SER A 54 14.24 -5.09 -6.87
CA SER A 54 15.19 -6.08 -7.35
C SER A 54 14.74 -6.54 -8.74
N ARG A 55 14.52 -7.82 -8.92
CA ARG A 55 14.09 -8.30 -10.22
C ARG A 55 12.57 -8.39 -10.42
N GLU A 56 11.81 -7.98 -9.41
N GLU A 56 11.80 -8.00 -9.39
CA GLU A 56 10.35 -8.06 -9.47
CA GLU A 56 10.35 -8.09 -9.48
C GLU A 56 9.72 -6.73 -9.82
C GLU A 56 9.68 -6.75 -9.79
N GLN A 57 8.62 -6.78 -10.57
CA GLN A 57 7.91 -5.58 -10.97
C GLN A 57 6.50 -5.63 -10.46
N PHE A 58 5.99 -4.49 -10.00
CA PHE A 58 4.64 -4.43 -9.45
C PHE A 58 3.92 -3.23 -10.06
N ARG A 59 2.83 -3.46 -10.80
CA ARG A 59 2.08 -2.35 -11.41
C ARG A 59 1.08 -1.83 -10.39
N ALA A 60 0.90 -0.49 -10.34
CA ALA A 60 0.00 0.11 -9.36
C ALA A 60 -0.54 1.49 -9.84
N HIS A 61 -1.41 2.14 -9.04
CA HIS A 61 -1.94 3.45 -9.32
C HIS A 61 -1.20 4.37 -8.35
N LYS A 62 -0.54 5.41 -8.86
CA LYS A 62 0.21 6.37 -8.04
C LYS A 62 -0.63 6.94 -6.90
N THR A 63 -1.92 7.29 -7.18
CA THR A 63 -2.76 7.86 -6.12
C THR A 63 -2.95 6.93 -4.95
N VAL A 64 -3.10 5.62 -5.20
CA VAL A 64 -3.25 4.66 -4.12
C VAL A 64 -1.95 4.58 -3.30
N LEU A 65 -0.81 4.51 -3.99
CA LEU A 65 0.51 4.46 -3.31
C LEU A 65 0.75 5.68 -2.41
N MET A 66 0.46 6.89 -2.94
CA MET A 66 0.61 8.13 -2.18
C MET A 66 -0.36 8.15 -1.00
N ALA A 67 -1.58 7.65 -1.18
CA ALA A 67 -2.56 7.63 -0.09
C ALA A 67 -2.15 6.69 1.05
N CYS A 68 -1.25 5.72 0.77
CA CYS A 68 -0.86 4.70 1.73
C CYS A 68 0.56 4.78 2.23
N SER A 69 1.42 5.65 1.67
CA SER A 69 2.84 5.62 2.05
C SER A 69 3.44 7.02 2.06
N GLY A 70 4.13 7.36 3.13
CA GLY A 70 4.82 8.64 3.24
C GLY A 70 5.91 8.79 2.19
N LEU A 71 6.58 7.68 1.85
CA LEU A 71 7.63 7.69 0.84
C LEU A 71 7.04 7.96 -0.54
N PHE A 72 5.98 7.22 -0.93
CA PHE A 72 5.35 7.45 -2.23
C PHE A 72 4.70 8.82 -2.31
N TYR A 73 4.13 9.30 -1.20
CA TYR A 73 3.56 10.65 -1.17
C TYR A 73 4.66 11.71 -1.49
N SER A 74 5.85 11.54 -0.89
CA SER A 74 6.97 12.45 -1.17
C SER A 74 7.42 12.36 -2.63
N ILE A 75 7.62 11.14 -3.14
CA ILE A 75 8.07 10.91 -4.52
C ILE A 75 7.10 11.48 -5.54
N PHE A 76 5.80 11.18 -5.43
CA PHE A 76 4.84 11.58 -6.45
C PHE A 76 4.37 13.04 -6.32
N THR A 77 4.74 13.76 -5.23
CA THR A 77 4.49 15.21 -5.14
C THR A 77 5.73 16.02 -5.62
N ASP A 78 6.85 15.35 -5.89
CA ASP A 78 8.06 16.00 -6.39
C ASP A 78 7.83 16.30 -7.86
N GLN A 79 8.00 17.56 -8.23
CA GLN A 79 7.78 18.09 -9.57
C GLN A 79 8.50 17.34 -10.66
N LEU A 80 9.66 16.75 -10.35
CA LEU A 80 10.42 15.98 -11.33
C LEU A 80 10.00 14.50 -11.34
N LYS A 81 9.80 13.90 -10.16
CA LYS A 81 9.52 12.47 -10.06
C LYS A 81 8.05 12.08 -10.30
N CYS A 82 7.11 13.01 -10.16
CA CYS A 82 5.69 12.73 -10.36
C CYS A 82 5.40 12.20 -11.77
N ASN A 83 6.26 12.51 -12.75
CA ASN A 83 6.06 12.09 -14.12
C ASN A 83 6.74 10.76 -14.47
N LEU A 84 7.51 10.18 -13.56
CA LEU A 84 8.19 8.92 -13.83
C LEU A 84 7.22 7.75 -13.91
N SER A 85 7.36 6.92 -14.95
N SER A 85 7.35 6.91 -14.95
CA SER A 85 6.53 5.72 -15.11
CA SER A 85 6.50 5.73 -15.08
C SER A 85 7.15 4.49 -14.43
C SER A 85 7.14 4.48 -14.41
N VAL A 86 8.43 4.56 -14.03
CA VAL A 86 9.13 3.47 -13.38
C VAL A 86 9.77 4.04 -12.13
N ILE A 87 9.59 3.37 -10.98
CA ILE A 87 10.19 3.79 -9.72
C ILE A 87 11.01 2.62 -9.18
N ASN A 88 12.32 2.82 -8.97
CA ASN A 88 13.14 1.74 -8.44
C ASN A 88 13.30 1.89 -6.94
N LEU A 89 12.98 0.84 -6.18
CA LEU A 89 13.18 0.88 -4.73
C LEU A 89 14.60 0.44 -4.41
N ASP A 90 15.05 0.71 -3.17
CA ASP A 90 16.34 0.30 -2.63
C ASP A 90 16.51 -1.22 -2.81
N PRO A 91 17.60 -1.65 -3.45
CA PRO A 91 17.81 -3.09 -3.69
C PRO A 91 17.80 -3.98 -2.46
N GLU A 92 17.93 -3.40 -1.26
CA GLU A 92 17.87 -4.18 -0.01
C GLU A 92 16.41 -4.57 0.32
N ILE A 93 15.41 -3.90 -0.28
CA ILE A 93 14.01 -4.20 -0.03
C ILE A 93 13.64 -5.59 -0.50
N ASN A 94 12.99 -6.34 0.37
CA ASN A 94 12.55 -7.69 0.04
C ASN A 94 11.28 -7.62 -0.80
N PRO A 95 11.28 -8.24 -2.01
CA PRO A 95 10.09 -8.19 -2.87
C PRO A 95 8.81 -8.78 -2.26
N GLU A 96 8.91 -9.86 -1.46
CA GLU A 96 7.73 -10.44 -0.81
C GLU A 96 7.16 -9.46 0.21
N GLY A 97 8.03 -8.79 0.97
CA GLY A 97 7.59 -7.79 1.94
C GLY A 97 6.88 -6.63 1.25
N PHE A 98 7.40 -6.22 0.08
CA PHE A 98 6.75 -5.16 -0.68
C PHE A 98 5.37 -5.65 -1.19
N CYS A 99 5.31 -6.85 -1.74
CA CYS A 99 4.08 -7.45 -2.26
C CYS A 99 2.99 -7.49 -1.19
N ILE A 100 3.34 -7.95 0.03
CA ILE A 100 2.40 -8.03 1.14
C ILE A 100 1.84 -6.63 1.47
N LEU A 101 2.72 -5.61 1.50
CA LEU A 101 2.28 -4.24 1.79
C LEU A 101 1.46 -3.64 0.66
N LEU A 102 1.82 -3.93 -0.61
CA LEU A 102 1.03 -3.45 -1.76
C LEU A 102 -0.37 -4.07 -1.69
N ASP A 103 -0.46 -5.36 -1.34
CA ASP A 103 -1.74 -6.01 -1.16
C ASP A 103 -2.54 -5.36 -0.05
N PHE A 104 -1.90 -5.05 1.07
CA PHE A 104 -2.52 -4.38 2.22
C PHE A 104 -3.09 -3.02 1.77
N MET A 105 -2.31 -2.25 1.01
CA MET A 105 -2.78 -0.92 0.54
C MET A 105 -4.11 -1.00 -0.19
N TYR A 106 -4.25 -2.02 -1.02
CA TYR A 106 -5.45 -2.23 -1.81
C TYR A 106 -6.56 -3.06 -1.15
N THR A 107 -6.31 -3.69 0.00
CA THR A 107 -7.32 -4.52 0.64
C THR A 107 -7.70 -4.29 2.10
N SER A 108 -6.82 -3.65 2.87
CA SER A 108 -6.88 -3.41 4.34
C SER A 108 -6.43 -4.65 5.15
N ARG A 109 -6.01 -5.69 4.46
CA ARG A 109 -5.57 -6.93 5.08
C ARG A 109 -4.08 -7.08 4.97
N LEU A 110 -3.42 -7.33 6.09
CA LEU A 110 -2.00 -7.52 6.12
C LEU A 110 -1.69 -8.97 6.44
N ASN A 111 -1.11 -9.69 5.49
CA ASN A 111 -0.78 -11.10 5.68
C ASN A 111 0.55 -11.27 6.45
N LEU A 112 0.52 -10.96 7.74
CA LEU A 112 1.70 -11.04 8.60
C LEU A 112 1.88 -12.48 9.07
N ARG A 113 3.10 -13.01 8.94
CA ARG A 113 3.49 -14.37 9.35
C ARG A 113 4.85 -14.32 10.02
N GLU A 114 5.19 -15.33 10.85
CA GLU A 114 6.48 -15.42 11.53
C GLU A 114 7.64 -15.33 10.53
N GLY A 115 7.48 -16.01 9.39
CA GLY A 115 8.48 -16.03 8.33
C GLY A 115 8.66 -14.75 7.55
N ASN A 116 7.66 -13.82 7.58
CA ASN A 116 7.78 -12.59 6.79
C ASN A 116 7.79 -11.30 7.62
N ILE A 117 7.42 -11.37 8.90
CA ILE A 117 7.24 -10.18 9.74
C ILE A 117 8.45 -9.23 9.73
N MET A 118 9.70 -9.76 9.78
CA MET A 118 10.87 -8.88 9.77
C MET A 118 11.00 -8.10 8.46
N ALA A 119 10.80 -8.76 7.30
CA ALA A 119 10.90 -8.06 6.02
C ALA A 119 9.74 -7.10 5.82
N VAL A 120 8.53 -7.47 6.32
CA VAL A 120 7.38 -6.58 6.19
C VAL A 120 7.62 -5.33 7.04
N MET A 121 8.17 -5.50 8.27
CA MET A 121 8.45 -4.35 9.13
C MET A 121 9.52 -3.42 8.52
N ALA A 122 10.61 -3.99 7.99
CA ALA A 122 11.66 -3.17 7.37
C ALA A 122 11.12 -2.42 6.14
N THR A 123 10.28 -3.10 5.36
CA THR A 123 9.70 -2.50 4.18
C THR A 123 8.72 -1.37 4.57
N ALA A 124 7.92 -1.57 5.62
CA ALA A 124 6.98 -0.53 6.05
C ALA A 124 7.72 0.69 6.61
N MET A 125 8.89 0.46 7.25
CA MET A 125 9.71 1.56 7.77
C MET A 125 10.23 2.41 6.59
N TYR A 126 10.76 1.75 5.55
CA TYR A 126 11.24 2.41 4.34
C TYR A 126 10.08 3.15 3.62
N LEU A 127 8.93 2.52 3.54
CA LEU A 127 7.77 3.11 2.87
C LEU A 127 7.02 4.13 3.69
N GLN A 128 7.44 4.31 4.94
CA GLN A 128 6.80 5.20 5.89
C GLN A 128 5.32 4.92 6.14
N MET A 129 5.04 3.71 6.56
CA MET A 129 3.71 3.29 6.92
C MET A 129 3.82 2.95 8.40
N GLU A 130 3.65 3.96 9.24
CA GLU A 130 3.87 3.83 10.69
C GLU A 130 3.01 2.90 11.50
N HIS A 131 1.70 2.88 11.27
CA HIS A 131 0.81 1.97 11.99
C HIS A 131 1.15 0.53 11.69
N VAL A 132 1.60 0.22 10.45
CA VAL A 132 2.03 -1.12 10.10
C VAL A 132 3.32 -1.48 10.88
N VAL A 133 4.26 -0.52 10.98
CA VAL A 133 5.48 -0.71 11.76
C VAL A 133 5.16 -1.00 13.24
N ASP A 134 4.27 -0.19 13.83
CA ASP A 134 3.82 -0.33 15.22
C ASP A 134 3.18 -1.68 15.45
N THR A 135 2.36 -2.15 14.50
CA THR A 135 1.69 -3.44 14.61
C THR A 135 2.71 -4.56 14.56
N CYS A 136 3.70 -4.46 13.66
CA CYS A 136 4.77 -5.44 13.53
C CYS A 136 5.55 -5.56 14.83
N ARG A 137 5.89 -4.42 15.44
N ARG A 137 5.89 -4.42 15.44
CA ARG A 137 6.63 -4.37 16.71
CA ARG A 137 6.62 -4.38 16.71
C ARG A 137 5.85 -5.01 17.85
C ARG A 137 5.84 -5.04 17.84
N LYS A 138 4.53 -4.83 17.88
CA LYS A 138 3.66 -5.41 18.91
C LYS A 138 3.61 -6.93 18.77
N PHE A 139 3.56 -7.43 17.54
CA PHE A 139 3.54 -8.87 17.29
C PHE A 139 4.90 -9.52 17.61
N ILE A 140 5.99 -8.80 17.34
CA ILE A 140 7.35 -9.27 17.63
C ILE A 140 7.55 -9.34 19.14
N LYS A 141 7.13 -8.30 19.87
CA LYS A 141 7.23 -8.24 21.34
C LYS A 141 6.47 -9.40 22.00
N ALA A 142 5.34 -9.82 21.41
CA ALA A 142 4.57 -10.93 21.96
C ALA A 142 5.29 -12.27 21.81
N SER A 143 6.18 -12.42 20.82
CA SER A 143 6.92 -13.65 20.61
C SER A 143 8.12 -13.77 21.55
N GLU A 144 8.73 -12.64 21.93
CA GLU A 144 9.88 -12.65 22.83
C GLU A 144 9.45 -12.84 24.28
#